data_8AAS
#
_entry.id   8AAS
#
_cell.length_a   75.234
_cell.length_b   75.234
_cell.length_c   215.487
_cell.angle_alpha   90
_cell.angle_beta   90
_cell.angle_gamma   120
#
_symmetry.space_group_name_H-M   'P 32 2 1'
#
loop_
_entity.id
_entity.type
_entity.pdbx_description
1 polymer 'Replication factor A'
2 polymer 'RPA32 subunit of the hetero-oligomeric complex involved in homologous recombination'
3 polymer 'RPA14 subunit of the hetero-oligomeric complex involved in homologous recombination'
4 polymer "DNA (5'-D(P*TP*TP*TP*TP*TP*TP*TP*TP*TP*TP*TP*TP*TP*T)-3')"
5 non-polymer 'ZINC ION'
6 non-polymer 'CALCIUM ION'
#
loop_
_entity_poly.entity_id
_entity_poly.type
_entity_poly.pdbx_seq_one_letter_code
_entity_poly.pdbx_strand_id
1 'polypeptide(L)'
;MRISELYPGMDPREVNVVGRVLKKYPPREYTRKDGSVGRVASLIIYDDSGRARVVLWDAKVSEYYNKIEVGDVIKVLDAQ
VKESLSGLPELHINFRARIILNPDDPRVEMIPPLEEVRVATYTRKKIKDIEAGDRFVEVRGTIAKVYRVLTYDACPECKK
KVDYDEGLGVWICPEHGEVQPIKMTILDFGLDDGTGYIRVTLFGDDAEELLGVSPEEIAEKIKELEESGLTTKEAARKLA
EDEFYNIIGREIVVRGNVIEDRFLGLILRASSWEDVDYRREIERIKEELEKLGVM
;
A
2 'polypeptide(L)'
;MSKKRMPATRLYIKDILEGYFVKSEGDFEPNYLITKYARKVYRAKIVGTVVREPLIAEDETYGKFQVDDGTGVIWVLGFR
DDTKFAKLVRKGDLVQVIGKIAEWRDDKQILVEGVSKVHPNMWILHRYETLKEKIEHIKKAKIALEIYNQYGITAKSKVI
AKNKGIEEELLEVIDELYGIMME
;
B
3 'polypeptide(L)'
;GTGDGSEVQVRRRKPAVERKISEIREEDTRVSLIGRVIKVDKMDYMFWLDDGTGVAIIESESDLPKVGQVVRVIGRIIRN
EEGIHIYAEVIQDFSDADLEALEEIRELERKLLPRLEGEIVW
;
C
4 'polydeoxyribonucleotide' (DT)(DT)(DT)(DT)(DT)(DT)(DT)(DT)(DT)(DT)(DT)(DT)(DT)(DT)(DT)(DT)(DT)(DT)(DT)(DT) F
#
# COMPACT_ATOMS: atom_id res chain seq x y z
N THR A 123 13.34 -16.36 -8.76
CA THR A 123 12.03 -16.78 -9.30
C THR A 123 10.84 -16.21 -8.50
N ARG A 124 9.96 -15.50 -9.22
CA ARG A 124 8.78 -14.85 -8.66
C ARG A 124 7.80 -15.85 -8.08
N LYS A 125 7.53 -15.73 -6.79
CA LYS A 125 6.58 -16.60 -6.11
C LYS A 125 5.70 -15.79 -5.18
N LYS A 126 4.37 -16.04 -5.19
CA LYS A 126 3.44 -15.37 -4.29
C LYS A 126 3.64 -15.91 -2.85
N ILE A 127 3.43 -15.08 -1.81
CA ILE A 127 3.62 -15.49 -0.41
C ILE A 127 2.76 -16.71 -0.03
N LYS A 128 1.58 -16.82 -0.64
CA LYS A 128 0.70 -17.97 -0.39
C LYS A 128 1.30 -19.30 -0.85
N ASP A 129 2.26 -19.25 -1.81
CA ASP A 129 2.92 -20.44 -2.36
C ASP A 129 4.28 -20.75 -1.69
N ILE A 130 4.83 -19.81 -0.90
CA ILE A 130 6.11 -19.97 -0.20
C ILE A 130 6.10 -21.08 0.85
N GLU A 131 7.17 -21.91 0.85
CA GLU A 131 7.40 -23.02 1.78
C GLU A 131 8.72 -22.87 2.57
N ALA A 132 8.88 -23.64 3.66
CA ALA A 132 10.11 -23.59 4.45
C ALA A 132 11.24 -24.19 3.67
N GLY A 133 12.38 -23.51 3.70
CA GLY A 133 13.57 -23.94 2.98
C GLY A 133 13.65 -23.42 1.56
N ASP A 134 12.69 -22.59 1.13
CA ASP A 134 12.65 -22.06 -0.23
C ASP A 134 13.91 -21.26 -0.53
N ARG A 135 14.46 -21.45 -1.73
CA ARG A 135 15.67 -20.75 -2.11
C ARG A 135 15.43 -19.88 -3.34
N PHE A 136 16.17 -18.74 -3.44
CA PHE A 136 16.12 -17.73 -4.53
C PHE A 136 14.71 -17.33 -4.92
N VAL A 137 13.95 -16.86 -3.93
CA VAL A 137 12.57 -16.45 -4.13
C VAL A 137 12.51 -14.93 -4.27
N GLU A 138 11.75 -14.43 -5.25
CA GLU A 138 11.58 -13.00 -5.43
C GLU A 138 10.16 -12.68 -5.04
N VAL A 139 9.99 -11.76 -4.08
CA VAL A 139 8.67 -11.38 -3.61
C VAL A 139 8.50 -9.86 -3.68
N ARG A 140 7.43 -9.38 -4.34
CA ARG A 140 7.15 -7.95 -4.39
C ARG A 140 5.94 -7.67 -3.51
N GLY A 141 6.14 -6.78 -2.55
CA GLY A 141 5.07 -6.44 -1.61
C GLY A 141 5.28 -5.14 -0.84
N THR A 142 4.36 -4.89 0.09
CA THR A 142 4.34 -3.69 0.90
C THR A 142 4.93 -3.96 2.27
N ILE A 143 5.75 -3.03 2.79
CA ILE A 143 6.28 -3.14 4.14
C ILE A 143 5.12 -2.89 5.06
N ALA A 144 4.78 -3.87 5.93
CA ALA A 144 3.61 -3.81 6.80
C ALA A 144 3.88 -3.55 8.29
N LYS A 145 5.03 -3.97 8.79
CA LYS A 145 5.35 -3.83 10.20
C LYS A 145 6.83 -3.72 10.42
N VAL A 146 7.28 -2.96 11.44
CA VAL A 146 8.71 -2.89 11.75
C VAL A 146 8.93 -3.42 13.15
N TYR A 147 9.52 -4.63 13.25
CA TYR A 147 9.79 -5.32 14.51
C TYR A 147 10.96 -4.74 15.32
N ARG A 148 12.16 -4.66 14.70
CA ARG A 148 13.34 -4.19 15.41
C ARG A 148 14.41 -3.62 14.50
N VAL A 149 15.07 -2.56 14.99
CA VAL A 149 16.16 -1.86 14.31
C VAL A 149 17.26 -1.72 15.34
N LEU A 150 18.43 -2.29 15.04
CA LEU A 150 19.56 -2.26 15.96
C LEU A 150 20.89 -2.50 15.23
N THR A 151 22.00 -2.18 15.90
CA THR A 151 23.33 -2.42 15.35
C THR A 151 24.17 -3.21 16.37
N TYR A 152 25.05 -4.10 15.89
CA TYR A 152 25.95 -4.91 16.72
C TYR A 152 27.39 -4.86 16.15
N ASP A 153 28.40 -5.08 17.01
CA ASP A 153 29.77 -5.10 16.53
C ASP A 153 30.03 -6.44 15.86
N ALA A 154 30.48 -6.42 14.60
CA ALA A 154 30.72 -7.63 13.81
C ALA A 154 32.16 -7.73 13.26
N CYS A 155 32.60 -8.95 12.95
CA CYS A 155 33.91 -9.19 12.38
C CYS A 155 33.83 -8.77 10.92
N PRO A 156 34.82 -8.03 10.41
CA PRO A 156 34.78 -7.61 9.00
C PRO A 156 34.94 -8.76 8.00
N GLU A 157 35.42 -9.94 8.45
CA GLU A 157 35.61 -11.07 7.57
C GLU A 157 34.42 -12.03 7.54
N CYS A 158 34.00 -12.54 8.70
CA CYS A 158 32.89 -13.49 8.74
C CYS A 158 31.53 -12.85 9.07
N LYS A 159 31.51 -11.54 9.42
CA LYS A 159 30.33 -10.76 9.77
C LYS A 159 29.61 -11.29 11.02
N LYS A 160 30.29 -12.09 11.85
CA LYS A 160 29.69 -12.62 13.08
C LYS A 160 29.94 -11.68 14.25
N LYS A 161 29.10 -11.76 15.29
CA LYS A 161 29.19 -10.92 16.48
C LYS A 161 30.54 -11.08 17.20
N VAL A 162 31.23 -9.96 17.49
CA VAL A 162 32.53 -9.98 18.19
C VAL A 162 32.38 -9.64 19.67
N ASP A 163 33.26 -10.20 20.50
CA ASP A 163 33.18 -9.97 21.94
C ASP A 163 34.31 -9.05 22.41
N TYR A 164 33.99 -8.09 23.30
CA TYR A 164 35.01 -7.19 23.83
C TYR A 164 35.62 -7.79 25.09
N ASP A 165 36.95 -7.99 25.09
CA ASP A 165 37.66 -8.54 26.23
C ASP A 165 38.18 -7.40 27.12
N GLU A 166 37.62 -7.25 28.34
CA GLU A 166 38.02 -6.18 29.26
C GLU A 166 39.42 -6.34 29.86
N GLY A 167 39.94 -7.56 29.89
CA GLY A 167 41.28 -7.82 30.40
C GLY A 167 42.37 -7.35 29.45
N LEU A 168 42.16 -7.57 28.14
CA LEU A 168 43.13 -7.19 27.11
C LEU A 168 42.81 -5.90 26.35
N GLY A 169 41.59 -5.41 26.48
CA GLY A 169 41.13 -4.19 25.81
C GLY A 169 40.98 -4.35 24.31
N VAL A 170 40.78 -5.58 23.82
CA VAL A 170 40.68 -5.86 22.39
C VAL A 170 39.35 -6.53 21.97
N TRP A 171 39.03 -6.53 20.66
CA TRP A 171 37.82 -7.20 20.17
C TRP A 171 38.18 -8.57 19.61
N ILE A 172 37.51 -9.63 20.11
CA ILE A 172 37.79 -11.00 19.72
C ILE A 172 36.67 -11.68 18.95
N CYS A 173 37.01 -12.17 17.76
CA CYS A 173 36.16 -12.93 16.88
C CYS A 173 36.50 -14.40 17.13
N PRO A 174 35.48 -15.25 17.35
CA PRO A 174 35.77 -16.67 17.60
C PRO A 174 36.51 -17.37 16.46
N GLU A 175 36.37 -16.86 15.23
CA GLU A 175 37.01 -17.47 14.06
C GLU A 175 38.28 -16.79 13.64
N HIS A 176 38.38 -15.46 13.82
CA HIS A 176 39.55 -14.73 13.33
C HIS A 176 40.41 -14.06 14.42
N GLY A 177 40.06 -14.24 15.68
CA GLY A 177 40.83 -13.69 16.79
C GLY A 177 40.69 -12.19 16.97
N GLU A 178 41.78 -11.48 17.26
CA GLU A 178 41.76 -10.04 17.46
C GLU A 178 41.46 -9.29 16.17
N VAL A 179 40.27 -8.71 16.07
CA VAL A 179 39.84 -8.01 14.87
C VAL A 179 39.41 -6.57 15.15
N GLN A 180 39.33 -5.73 14.08
CA GLN A 180 38.83 -4.37 14.16
C GLN A 180 37.34 -4.46 13.82
N PRO A 181 36.45 -4.19 14.79
CA PRO A 181 35.02 -4.37 14.54
C PRO A 181 34.36 -3.33 13.64
N ILE A 182 33.31 -3.77 12.93
CA ILE A 182 32.50 -2.93 12.06
C ILE A 182 31.05 -2.96 12.57
N LYS A 183 30.29 -1.85 12.42
CA LYS A 183 28.90 -1.82 12.89
C LYS A 183 27.96 -2.45 11.88
N MET A 184 27.26 -3.53 12.28
CA MET A 184 26.34 -4.22 11.38
C MET A 184 24.87 -3.91 11.74
N THR A 185 24.12 -3.40 10.76
CA THR A 185 22.72 -3.05 10.97
C THR A 185 21.78 -4.26 10.75
N ILE A 186 20.79 -4.45 11.65
CA ILE A 186 19.79 -5.51 11.51
C ILE A 186 18.44 -4.88 11.40
N LEU A 187 17.71 -5.22 10.33
CA LEU A 187 16.37 -4.70 10.13
C LEU A 187 15.36 -5.84 10.00
N ASP A 188 14.44 -5.94 10.99
CA ASP A 188 13.42 -6.96 10.95
C ASP A 188 12.08 -6.29 10.70
N PHE A 189 11.38 -6.72 9.65
CA PHE A 189 10.11 -6.15 9.25
C PHE A 189 9.19 -7.20 8.60
N GLY A 190 7.98 -6.83 8.23
CA GLY A 190 7.06 -7.74 7.57
C GLY A 190 6.74 -7.27 6.17
N LEU A 191 6.38 -8.20 5.28
CA LEU A 191 6.05 -7.84 3.91
C LEU A 191 4.77 -8.49 3.49
N ASP A 192 3.89 -7.75 2.81
CA ASP A 192 2.60 -8.27 2.36
C ASP A 192 2.41 -8.15 0.87
N ASP A 193 2.00 -9.23 0.17
CA ASP A 193 1.79 -9.16 -1.27
C ASP A 193 0.33 -9.31 -1.74
N GLY A 194 -0.61 -9.26 -0.82
CA GLY A 194 -2.02 -9.40 -1.19
C GLY A 194 -2.57 -10.80 -1.06
N THR A 195 -1.66 -11.81 -1.18
CA THR A 195 -1.97 -13.23 -1.04
C THR A 195 -1.37 -13.83 0.25
N GLY A 196 -0.51 -13.11 0.96
CA GLY A 196 0.09 -13.62 2.18
C GLY A 196 0.98 -12.63 2.91
N TYR A 197 1.50 -13.00 4.08
CA TYR A 197 2.38 -12.15 4.87
C TYR A 197 3.66 -12.91 5.22
N ILE A 198 4.85 -12.29 5.15
CA ILE A 198 6.11 -12.98 5.52
C ILE A 198 7.09 -12.05 6.29
N ARG A 199 7.80 -12.56 7.29
CA ARG A 199 8.76 -11.75 8.04
C ARG A 199 10.02 -11.64 7.19
N VAL A 200 10.71 -10.49 7.21
CA VAL A 200 11.90 -10.24 6.42
C VAL A 200 13.06 -9.67 7.28
N THR A 201 14.29 -10.11 7.01
CA THR A 201 15.46 -9.60 7.71
C THR A 201 16.51 -9.13 6.71
N LEU A 202 16.99 -7.90 6.86
CA LEU A 202 18.04 -7.29 6.02
C LEU A 202 19.26 -7.00 6.87
N PHE A 203 20.46 -7.11 6.28
CA PHE A 203 21.69 -6.89 7.02
C PHE A 203 22.61 -5.87 6.39
N GLY A 204 23.33 -5.17 7.25
CA GLY A 204 24.34 -4.18 6.89
C GLY A 204 23.98 -3.11 5.90
N ASP A 205 24.68 -3.11 4.77
CA ASP A 205 24.55 -2.15 3.70
C ASP A 205 23.14 -2.14 3.10
N ASP A 206 22.49 -3.31 2.97
CA ASP A 206 21.12 -3.38 2.44
C ASP A 206 20.13 -2.71 3.40
N ALA A 207 20.32 -2.95 4.70
CA ALA A 207 19.47 -2.39 5.74
C ALA A 207 19.69 -0.88 5.87
N GLU A 208 20.95 -0.43 5.83
CA GLU A 208 21.30 0.99 5.94
C GLU A 208 20.73 1.77 4.76
N GLU A 209 20.73 1.17 3.56
CA GLU A 209 20.21 1.76 2.31
C GLU A 209 18.71 1.95 2.42
N LEU A 210 18.00 0.99 3.01
CA LEU A 210 16.55 1.08 3.17
C LEU A 210 16.18 2.07 4.26
N LEU A 211 16.90 2.05 5.38
CA LEU A 211 16.62 2.94 6.49
C LEU A 211 17.00 4.39 6.24
N GLY A 212 18.04 4.60 5.44
CA GLY A 212 18.51 5.95 5.15
C GLY A 212 19.18 6.64 6.34
N VAL A 213 19.69 5.85 7.28
CA VAL A 213 20.39 6.34 8.46
C VAL A 213 21.67 5.51 8.63
N SER A 214 22.79 6.15 8.98
CA SER A 214 24.07 5.45 9.17
C SER A 214 24.05 4.51 10.39
N PRO A 215 24.79 3.37 10.36
CA PRO A 215 24.81 2.46 11.52
C PRO A 215 25.36 3.11 12.80
N GLU A 216 26.29 4.07 12.66
CA GLU A 216 26.86 4.80 13.79
C GLU A 216 25.79 5.66 14.47
N GLU A 217 24.88 6.27 13.68
CA GLU A 217 23.78 7.08 14.18
C GLU A 217 22.77 6.20 14.90
N ILE A 218 22.49 4.98 14.37
CA ILE A 218 21.58 4.02 14.98
C ILE A 218 22.16 3.55 16.32
N ALA A 219 23.47 3.30 16.36
CA ALA A 219 24.16 2.87 17.59
C ALA A 219 24.05 3.92 18.68
N GLU A 220 24.14 5.21 18.31
CA GLU A 220 24.02 6.31 19.26
C GLU A 220 22.63 6.36 19.86
N LYS A 221 21.60 6.16 19.02
CA LYS A 221 20.20 6.16 19.46
C LYS A 221 19.88 4.95 20.35
N ILE A 222 20.47 3.78 20.04
CA ILE A 222 20.30 2.57 20.84
C ILE A 222 20.93 2.78 22.23
N LYS A 223 22.12 3.43 22.27
CA LYS A 223 22.85 3.76 23.50
C LYS A 223 22.01 4.66 24.41
N GLU A 224 21.35 5.69 23.83
CA GLU A 224 20.51 6.62 24.58
C GLU A 224 19.33 5.87 25.24
N LEU A 225 18.72 4.94 24.50
CA LEU A 225 17.59 4.15 24.99
C LEU A 225 18.02 3.19 26.09
N GLU A 226 19.20 2.58 25.95
CA GLU A 226 19.72 1.65 26.94
C GLU A 226 20.06 2.36 28.26
N GLU A 227 20.60 3.59 28.16
CA GLU A 227 20.93 4.41 29.32
C GLU A 227 19.67 4.74 30.14
N SER A 228 18.50 4.80 29.49
CA SER A 228 17.23 5.08 30.14
C SER A 228 16.63 3.89 30.93
N GLY A 229 17.29 2.74 30.90
CA GLY A 229 16.83 1.57 31.63
C GLY A 229 16.23 0.46 30.78
N LEU A 230 16.42 0.53 29.46
CA LEU A 230 15.90 -0.48 28.56
C LEU A 230 17.00 -1.49 28.21
N THR A 231 16.61 -2.75 27.97
CA THR A 231 17.57 -3.77 27.54
C THR A 231 17.84 -3.58 26.03
N THR A 232 18.78 -4.33 25.45
CA THR A 232 19.10 -4.24 24.03
C THR A 232 17.86 -4.61 23.19
N LYS A 233 17.13 -5.64 23.62
CA LYS A 233 15.91 -6.14 22.97
C LYS A 233 14.80 -5.07 22.96
N GLU A 234 14.58 -4.42 24.11
CA GLU A 234 13.57 -3.37 24.31
C GLU A 234 13.89 -2.10 23.52
N ALA A 235 15.18 -1.72 23.51
CA ALA A 235 15.63 -0.54 22.80
C ALA A 235 15.47 -0.71 21.28
N ALA A 236 15.72 -1.92 20.77
CA ALA A 236 15.59 -2.22 19.34
C ALA A 236 14.15 -2.12 18.84
N ARG A 237 13.19 -2.59 19.64
CA ARG A 237 11.77 -2.54 19.29
C ARG A 237 11.28 -1.09 19.35
N LYS A 238 11.70 -0.35 20.38
CA LYS A 238 11.31 1.05 20.54
C LYS A 238 11.80 1.95 19.39
N LEU A 239 13.06 1.81 18.97
CA LEU A 239 13.64 2.60 17.88
C LEU A 239 12.95 2.33 16.54
N ALA A 240 12.53 1.07 16.32
CA ALA A 240 11.82 0.70 15.11
C ALA A 240 10.45 1.39 15.05
N GLU A 241 9.70 1.43 16.18
CA GLU A 241 8.38 2.06 16.21
C GLU A 241 8.46 3.59 16.24
N ASP A 242 9.39 4.16 16.99
CA ASP A 242 9.48 5.61 17.14
C ASP A 242 10.17 6.37 16.01
N GLU A 243 11.16 5.77 15.34
CA GLU A 243 11.90 6.50 14.31
C GLU A 243 11.81 5.93 12.90
N PHE A 244 11.62 4.62 12.79
CA PHE A 244 11.58 3.99 11.47
C PHE A 244 10.20 3.52 11.04
N TYR A 245 9.15 4.11 11.61
CA TYR A 245 7.77 3.81 11.24
C TYR A 245 7.43 4.37 9.84
N ASN A 246 8.17 5.40 9.38
CA ASN A 246 8.00 6.03 8.07
C ASN A 246 8.24 5.06 6.93
N ILE A 247 9.03 4.00 7.16
CA ILE A 247 9.32 3.04 6.10
C ILE A 247 8.09 2.15 5.76
N ILE A 248 7.11 2.06 6.67
CA ILE A 248 5.92 1.25 6.47
C ILE A 248 5.07 1.84 5.36
N GLY A 249 4.51 0.98 4.51
CA GLY A 249 3.66 1.37 3.39
C GLY A 249 4.37 1.46 2.05
N ARG A 250 5.69 1.32 2.07
CA ARG A 250 6.57 1.35 0.92
C ARG A 250 6.53 0.01 0.14
N GLU A 251 6.35 0.06 -1.20
CA GLU A 251 6.37 -1.15 -2.04
C GLU A 251 7.81 -1.46 -2.48
N ILE A 252 8.32 -2.66 -2.16
CA ILE A 252 9.67 -3.08 -2.51
C ILE A 252 9.71 -4.53 -3.06
N VAL A 253 10.85 -4.94 -3.64
CA VAL A 253 11.11 -6.28 -4.16
C VAL A 253 12.25 -6.88 -3.32
N VAL A 254 11.97 -8.00 -2.62
CA VAL A 254 12.97 -8.69 -1.82
C VAL A 254 13.31 -10.05 -2.38
N ARG A 255 14.60 -10.38 -2.34
CA ARG A 255 15.08 -11.66 -2.82
C ARG A 255 15.86 -12.32 -1.71
N GLY A 256 15.56 -13.59 -1.45
CA GLY A 256 16.27 -14.31 -0.42
C GLY A 256 15.78 -15.72 -0.24
N ASN A 257 16.31 -16.36 0.79
CA ASN A 257 15.96 -17.72 1.15
C ASN A 257 15.06 -17.72 2.41
N VAL A 258 14.10 -18.65 2.45
CA VAL A 258 13.14 -18.76 3.55
C VAL A 258 13.55 -19.81 4.60
N ILE A 259 13.81 -19.37 5.83
CA ILE A 259 14.15 -20.28 6.91
C ILE A 259 12.93 -20.38 7.86
N GLU A 260 12.72 -21.54 8.50
CA GLU A 260 11.57 -21.68 9.41
C GLU A 260 11.95 -21.62 10.89
N ASP A 261 11.52 -20.55 11.57
CA ASP A 261 11.76 -20.39 13.01
C ASP A 261 10.73 -21.20 13.78
N ARG A 262 11.20 -21.91 14.81
CA ARG A 262 10.42 -22.80 15.65
C ARG A 262 9.25 -22.16 16.36
N PHE A 263 9.13 -20.83 16.32
CA PHE A 263 8.00 -20.13 16.94
C PHE A 263 7.62 -18.86 16.18
N LEU A 264 8.60 -18.20 15.54
CA LEU A 264 8.31 -16.99 14.75
C LEU A 264 7.74 -17.30 13.36
N GLY A 265 7.87 -18.55 12.90
CA GLY A 265 7.37 -18.98 11.60
C GLY A 265 8.36 -18.76 10.50
N LEU A 266 7.88 -18.63 9.26
CA LEU A 266 8.76 -18.40 8.12
C LEU A 266 9.40 -17.02 8.15
N ILE A 267 10.73 -16.97 8.06
CA ILE A 267 11.49 -15.73 8.01
C ILE A 267 12.27 -15.70 6.73
N LEU A 268 12.05 -14.68 5.93
CA LEU A 268 12.75 -14.51 4.67
C LEU A 268 14.03 -13.73 4.91
N ARG A 269 15.17 -14.41 4.84
CA ARG A 269 16.46 -13.77 5.01
C ARG A 269 16.80 -13.14 3.65
N ALA A 270 16.49 -11.84 3.50
CA ALA A 270 16.73 -11.15 2.25
C ALA A 270 18.20 -10.82 1.99
N SER A 271 18.75 -11.39 0.91
CA SER A 271 20.13 -11.14 0.47
C SER A 271 20.26 -9.74 -0.15
N SER A 272 19.17 -9.24 -0.77
CA SER A 272 19.08 -7.94 -1.41
C SER A 272 17.61 -7.44 -1.47
N TRP A 273 17.47 -6.14 -1.69
CA TRP A 273 16.19 -5.47 -1.86
C TRP A 273 16.36 -4.45 -2.98
N GLU A 274 15.28 -4.16 -3.68
CA GLU A 274 15.34 -3.16 -4.74
C GLU A 274 13.99 -2.51 -4.95
N ASP A 275 13.98 -1.33 -5.59
CA ASP A 275 12.76 -0.64 -5.90
C ASP A 275 11.99 -1.40 -6.97
N VAL A 276 10.67 -1.32 -6.91
CA VAL A 276 9.79 -1.99 -7.86
C VAL A 276 9.94 -1.46 -9.28
N ASP A 277 10.11 -2.35 -10.27
CA ASP A 277 10.12 -1.93 -11.65
C ASP A 277 8.69 -2.04 -12.09
N TYR A 278 8.01 -0.91 -12.12
CA TYR A 278 6.59 -0.83 -12.44
C TYR A 278 6.22 -1.38 -13.83
N ARG A 279 7.06 -1.16 -14.86
CA ARG A 279 6.73 -1.70 -16.19
C ARG A 279 6.81 -3.22 -16.21
N ARG A 280 7.77 -3.81 -15.48
CA ARG A 280 7.92 -5.26 -15.37
C ARG A 280 6.69 -5.86 -14.68
N GLU A 281 6.23 -5.19 -13.62
CA GLU A 281 5.07 -5.62 -12.85
C GLU A 281 3.79 -5.52 -13.63
N ILE A 282 3.62 -4.43 -14.40
CA ILE A 282 2.44 -4.24 -15.23
C ILE A 282 2.35 -5.32 -16.33
N GLU A 283 3.52 -5.71 -16.90
CA GLU A 283 3.56 -6.75 -17.92
C GLU A 283 3.14 -8.10 -17.35
N ARG A 284 3.51 -8.38 -16.09
CA ARG A 284 3.10 -9.62 -15.43
C ARG A 284 1.59 -9.66 -15.27
N ILE A 285 0.98 -8.53 -14.90
CA ILE A 285 -0.47 -8.37 -14.72
C ILE A 285 -1.22 -8.50 -16.04
N LYS A 286 -0.63 -7.97 -17.13
CA LYS A 286 -1.22 -8.09 -18.45
C LYS A 286 -1.30 -9.57 -18.88
N GLU A 287 -0.26 -10.35 -18.53
CA GLU A 287 -0.20 -11.79 -18.81
C GLU A 287 -1.32 -12.50 -18.06
N GLU A 288 -1.55 -12.12 -16.79
CA GLU A 288 -2.60 -12.72 -15.99
C GLU A 288 -3.98 -12.35 -16.55
N LEU A 289 -4.15 -11.12 -17.06
CA LEU A 289 -5.40 -10.65 -17.67
C LEU A 289 -5.70 -11.39 -18.95
N GLU A 290 -4.66 -11.70 -19.73
CA GLU A 290 -4.81 -12.47 -20.95
C GLU A 290 -5.32 -13.89 -20.62
N LYS A 291 -4.83 -14.49 -19.51
CA LYS A 291 -5.26 -15.81 -19.04
C LYS A 291 -6.73 -15.82 -18.59
N LEU A 292 -7.24 -14.67 -18.13
CA LEU A 292 -8.62 -14.52 -17.72
C LEU A 292 -9.58 -14.17 -18.88
N GLY A 293 -9.05 -13.87 -20.05
CA GLY A 293 -9.87 -13.54 -21.20
C GLY A 293 -10.25 -12.08 -21.30
N VAL A 294 -9.39 -11.22 -20.77
CA VAL A 294 -9.62 -9.78 -20.82
C VAL A 294 -9.07 -9.21 -22.13
N MET A 295 -7.85 -9.62 -22.49
CA MET A 295 -7.21 -9.18 -23.71
C MET A 295 -7.04 -10.37 -24.67
N LYS B 4 -1.52 -16.31 13.02
CA LYS B 4 -1.48 -16.02 11.59
C LYS B 4 -1.86 -14.56 11.30
N ARG B 5 -1.25 -13.95 10.27
CA ARG B 5 -1.56 -12.58 9.82
C ARG B 5 -2.11 -12.66 8.40
N MET B 6 -3.45 -12.56 8.30
CA MET B 6 -4.21 -12.60 7.05
C MET B 6 -3.79 -11.47 6.08
N PRO B 7 -3.90 -11.68 4.75
CA PRO B 7 -3.42 -10.65 3.81
C PRO B 7 -4.22 -9.35 3.74
N ALA B 8 -3.57 -8.29 3.24
CA ALA B 8 -4.22 -7.01 3.03
C ALA B 8 -4.71 -7.05 1.59
N THR B 9 -6.00 -6.89 1.36
CA THR B 9 -6.58 -6.97 0.03
C THR B 9 -6.55 -5.64 -0.71
N ARG B 10 -6.01 -5.62 -1.93
CA ARG B 10 -5.92 -4.41 -2.72
C ARG B 10 -7.26 -4.19 -3.33
N LEU B 11 -7.91 -3.07 -2.97
CA LEU B 11 -9.26 -2.75 -3.39
C LEU B 11 -9.47 -1.29 -3.75
N TYR B 12 -10.57 -1.04 -4.47
CA TYR B 12 -11.02 0.30 -4.76
C TYR B 12 -11.67 0.81 -3.47
N ILE B 13 -11.58 2.12 -3.20
CA ILE B 13 -12.22 2.70 -2.01
C ILE B 13 -13.74 2.48 -2.07
N LYS B 14 -14.33 2.54 -3.27
CA LYS B 14 -15.75 2.29 -3.50
C LYS B 14 -16.18 0.91 -2.97
N ASP B 15 -15.37 -0.12 -3.22
CA ASP B 15 -15.66 -1.47 -2.77
C ASP B 15 -15.67 -1.57 -1.23
N ILE B 16 -14.82 -0.79 -0.56
CA ILE B 16 -14.78 -0.77 0.89
C ILE B 16 -16.01 -0.06 1.38
N LEU B 17 -16.30 1.13 0.85
CA LEU B 17 -17.43 1.94 1.25
C LEU B 17 -18.77 1.25 1.08
N GLU B 18 -18.94 0.51 -0.01
CA GLU B 18 -20.18 -0.22 -0.27
C GLU B 18 -20.28 -1.59 0.41
N GLY B 19 -19.22 -2.01 1.10
CA GLY B 19 -19.21 -3.30 1.77
C GLY B 19 -20.05 -3.38 3.03
N TYR B 20 -20.02 -4.55 3.66
CA TYR B 20 -20.79 -4.82 4.88
C TYR B 20 -19.80 -5.10 6.00
N PHE B 21 -19.62 -4.14 6.92
CA PHE B 21 -18.68 -4.31 8.03
C PHE B 21 -19.20 -5.32 9.03
N VAL B 22 -18.33 -6.22 9.49
CA VAL B 22 -18.69 -7.25 10.46
C VAL B 22 -17.86 -7.09 11.72
N LYS B 23 -18.54 -6.69 12.81
CA LYS B 23 -17.91 -6.49 14.10
C LYS B 23 -17.90 -7.82 14.82
N SER B 24 -16.70 -8.33 15.08
CA SER B 24 -16.52 -9.58 15.81
C SER B 24 -16.86 -9.34 17.31
N GLU B 25 -17.71 -10.21 17.90
CA GLU B 25 -18.15 -10.10 19.30
C GLU B 25 -17.06 -10.39 20.32
N GLY B 26 -16.09 -11.22 19.93
CA GLY B 26 -14.96 -11.55 20.78
C GLY B 26 -13.97 -10.40 20.88
N ASP B 27 -13.41 -10.21 22.09
CA ASP B 27 -12.46 -9.14 22.37
C ASP B 27 -11.11 -9.26 21.64
N PHE B 28 -10.82 -10.45 21.12
CA PHE B 28 -9.58 -10.66 20.38
C PHE B 28 -9.82 -11.05 18.92
N GLU B 29 -11.09 -11.22 18.48
CA GLU B 29 -11.36 -11.59 17.10
C GLU B 29 -11.23 -10.36 16.20
N PRO B 30 -10.53 -10.48 15.05
CA PRO B 30 -10.38 -9.33 14.16
C PRO B 30 -11.66 -8.99 13.42
N ASN B 31 -11.93 -7.70 13.28
CA ASN B 31 -13.10 -7.26 12.53
C ASN B 31 -12.77 -7.41 11.04
N TYR B 32 -13.81 -7.62 10.22
CA TYR B 32 -13.62 -7.76 8.78
C TYR B 32 -14.78 -7.13 7.98
N LEU B 33 -14.68 -7.09 6.66
CA LEU B 33 -15.70 -6.51 5.79
C LEU B 33 -16.02 -7.49 4.68
N ILE B 34 -17.27 -7.57 4.26
CA ILE B 34 -17.65 -8.43 3.14
C ILE B 34 -18.13 -7.53 2.02
N THR B 35 -17.42 -7.51 0.89
CA THR B 35 -17.80 -6.66 -0.25
C THR B 35 -19.07 -7.18 -0.96
N LYS B 36 -19.64 -6.37 -1.87
CA LYS B 36 -20.78 -6.77 -2.69
C LYS B 36 -20.47 -7.98 -3.59
N TYR B 37 -19.18 -8.27 -3.82
CA TYR B 37 -18.76 -9.42 -4.64
C TYR B 37 -18.33 -10.59 -3.76
N ALA B 38 -18.88 -10.69 -2.54
CA ALA B 38 -18.60 -11.74 -1.56
C ALA B 38 -17.10 -11.91 -1.25
N ARG B 39 -16.39 -10.79 -1.03
CA ARG B 39 -14.97 -10.86 -0.70
C ARG B 39 -14.77 -10.54 0.78
N LYS B 40 -14.19 -11.47 1.55
CA LYS B 40 -13.96 -11.24 2.97
C LYS B 40 -12.63 -10.56 3.09
N VAL B 41 -12.65 -9.37 3.67
CA VAL B 41 -11.48 -8.53 3.77
C VAL B 41 -11.14 -8.20 5.21
N TYR B 42 -9.95 -8.58 5.68
CA TYR B 42 -9.53 -8.26 7.05
C TYR B 42 -8.75 -6.94 7.05
N ARG B 43 -7.84 -6.80 6.06
CA ARG B 43 -7.02 -5.59 5.91
C ARG B 43 -7.16 -5.00 4.52
N ALA B 44 -7.07 -3.66 4.40
CA ALA B 44 -7.18 -2.97 3.12
C ALA B 44 -5.86 -2.37 2.68
N LYS B 45 -5.61 -2.37 1.37
CA LYS B 45 -4.40 -1.83 0.76
C LYS B 45 -4.89 -0.96 -0.37
N ILE B 46 -4.83 0.39 -0.21
CA ILE B 46 -5.32 1.38 -1.20
C ILE B 46 -4.24 2.39 -1.66
N VAL B 47 -4.39 2.95 -2.86
CA VAL B 47 -3.47 3.97 -3.38
C VAL B 47 -4.28 5.18 -3.85
N GLY B 48 -4.03 6.34 -3.23
CA GLY B 48 -4.74 7.57 -3.57
C GLY B 48 -3.99 8.84 -3.23
N THR B 49 -4.65 9.97 -3.38
CA THR B 49 -4.05 11.25 -3.10
C THR B 49 -4.58 11.83 -1.81
N VAL B 50 -3.70 12.44 -1.00
CA VAL B 50 -4.11 13.11 0.22
C VAL B 50 -4.77 14.40 -0.22
N VAL B 51 -6.05 14.56 0.05
CA VAL B 51 -6.77 15.72 -0.48
C VAL B 51 -6.81 16.95 0.42
N ARG B 52 -6.60 16.76 1.70
CA ARG B 52 -6.64 17.86 2.66
C ARG B 52 -5.45 17.79 3.57
N GLU B 53 -4.98 18.96 4.07
CA GLU B 53 -3.90 18.97 5.03
C GLU B 53 -4.33 18.18 6.29
N PRO B 54 -3.50 17.26 6.79
CA PRO B 54 -3.94 16.39 7.89
C PRO B 54 -4.56 17.14 9.09
N LEU B 55 -5.33 16.42 9.89
CA LEU B 55 -5.93 16.99 11.08
C LEU B 55 -5.28 16.35 12.26
N ILE B 56 -4.56 17.15 13.02
CA ILE B 56 -3.94 16.66 14.23
C ILE B 56 -4.64 17.33 15.39
N ALA B 57 -5.20 16.53 16.32
CA ALA B 57 -5.86 17.05 17.52
C ALA B 57 -4.82 17.79 18.35
N GLU B 58 -5.19 18.94 18.96
CA GLU B 58 -4.25 19.75 19.76
C GLU B 58 -3.58 18.92 20.86
N ASP B 59 -4.38 18.05 21.49
CA ASP B 59 -3.93 17.16 22.54
C ASP B 59 -3.18 15.92 22.03
N GLU B 60 -2.96 15.80 20.71
CA GLU B 60 -2.26 14.72 20.04
C GLU B 60 -2.85 13.34 20.37
N THR B 61 -4.16 13.29 20.58
CA THR B 61 -4.84 12.02 20.86
C THR B 61 -5.18 11.26 19.56
N TYR B 62 -5.40 12.00 18.46
CA TYR B 62 -5.68 11.40 17.18
C TYR B 62 -5.18 12.28 16.06
N GLY B 63 -4.88 11.63 14.95
CA GLY B 63 -4.39 12.26 13.73
C GLY B 63 -5.07 11.57 12.58
N LYS B 64 -5.59 12.35 11.63
CA LYS B 64 -6.28 11.78 10.48
C LYS B 64 -5.99 12.52 9.16
N PHE B 65 -6.17 11.83 8.03
CA PHE B 65 -5.95 12.39 6.70
C PHE B 65 -6.88 11.73 5.70
N GLN B 66 -7.20 12.44 4.62
CA GLN B 66 -8.15 11.94 3.65
C GLN B 66 -7.53 11.44 2.37
N VAL B 67 -7.97 10.29 1.89
CA VAL B 67 -7.42 9.73 0.66
C VAL B 67 -8.50 9.54 -0.43
N ASP B 68 -8.22 10.05 -1.64
CA ASP B 68 -9.13 9.90 -2.75
C ASP B 68 -8.45 9.08 -3.86
N ASP B 69 -9.13 8.04 -4.35
CA ASP B 69 -8.57 7.21 -5.42
C ASP B 69 -9.31 7.28 -6.74
N GLY B 70 -10.30 8.15 -6.84
CA GLY B 70 -11.10 8.26 -8.06
C GLY B 70 -12.42 7.53 -8.00
N THR B 71 -12.44 6.40 -7.26
CA THR B 71 -13.67 5.63 -7.04
C THR B 71 -14.34 5.96 -5.69
N GLY B 72 -13.62 6.58 -4.76
CA GLY B 72 -14.19 6.95 -3.47
C GLY B 72 -13.23 7.74 -2.60
N VAL B 73 -13.77 8.28 -1.51
CA VAL B 73 -12.96 9.05 -0.56
C VAL B 73 -13.07 8.43 0.83
N ILE B 74 -11.92 8.12 1.47
CA ILE B 74 -11.93 7.49 2.79
C ILE B 74 -11.00 8.20 3.81
N TRP B 75 -11.38 8.13 5.09
CA TRP B 75 -10.57 8.74 6.13
C TRP B 75 -9.63 7.70 6.70
N VAL B 76 -8.39 8.13 6.98
CA VAL B 76 -7.35 7.25 7.53
C VAL B 76 -6.91 7.76 8.90
N LEU B 77 -7.06 6.91 9.94
CA LEU B 77 -6.84 7.29 11.33
C LEU B 77 -5.79 6.60 12.11
N GLY B 78 -5.06 7.41 12.86
CA GLY B 78 -4.00 6.99 13.74
C GLY B 78 -4.25 7.61 15.11
N PHE B 79 -4.23 6.77 16.17
CA PHE B 79 -4.54 7.20 17.55
C PHE B 79 -3.33 7.15 18.48
N ARG B 80 -3.29 8.06 19.46
CA ARG B 80 -2.24 8.14 20.48
C ARG B 80 -0.85 8.53 19.88
N ASP B 81 0.10 7.59 19.85
CA ASP B 81 1.42 7.80 19.26
C ASP B 81 1.31 7.62 17.77
N ASP B 82 0.40 6.71 17.29
CA ASP B 82 0.11 6.46 15.86
C ASP B 82 -0.28 7.73 15.08
N THR B 83 -0.58 8.83 15.80
CA THR B 83 -0.79 10.14 15.20
C THR B 83 0.38 10.56 14.27
N LYS B 84 1.57 9.97 14.49
CA LYS B 84 2.81 10.16 13.73
C LYS B 84 2.64 9.88 12.26
N PHE B 85 1.78 8.90 11.91
CA PHE B 85 1.45 8.50 10.54
C PHE B 85 0.80 9.66 9.78
N ALA B 86 -0.12 10.36 10.45
CA ALA B 86 -0.79 11.50 9.86
C ALA B 86 0.15 12.67 9.67
N LYS B 87 1.16 12.83 10.54
CA LYS B 87 2.11 13.92 10.43
C LYS B 87 3.04 13.77 9.23
N LEU B 88 3.30 12.49 8.81
CA LEU B 88 4.16 12.15 7.66
C LEU B 88 3.63 12.70 6.36
N VAL B 89 2.31 12.71 6.19
CA VAL B 89 1.73 13.14 4.93
C VAL B 89 1.39 14.63 4.94
N ARG B 90 1.09 15.15 3.76
CA ARG B 90 0.77 16.54 3.49
C ARG B 90 -0.25 16.58 2.38
N LYS B 91 -0.95 17.70 2.20
CA LYS B 91 -1.97 17.82 1.17
C LYS B 91 -1.34 17.67 -0.18
N GLY B 92 -1.87 16.79 -1.00
CA GLY B 92 -1.34 16.59 -2.34
C GLY B 92 -0.48 15.37 -2.56
N ASP B 93 0.02 14.73 -1.50
CA ASP B 93 0.86 13.55 -1.63
C ASP B 93 0.13 12.37 -2.22
N LEU B 94 0.78 11.64 -3.12
CA LEU B 94 0.21 10.44 -3.72
C LEU B 94 0.74 9.31 -2.83
N VAL B 95 -0.14 8.61 -2.09
CA VAL B 95 0.33 7.60 -1.14
C VAL B 95 -0.34 6.23 -1.25
N GLN B 96 0.31 5.20 -0.65
CA GLN B 96 -0.21 3.86 -0.55
C GLN B 96 -0.45 3.63 0.93
N VAL B 97 -1.67 3.19 1.27
CA VAL B 97 -2.06 2.95 2.65
C VAL B 97 -2.45 1.50 2.90
N ILE B 98 -1.94 0.94 4.00
CA ILE B 98 -2.30 -0.41 4.48
C ILE B 98 -2.83 -0.26 5.91
N GLY B 99 -3.89 -0.98 6.23
CA GLY B 99 -4.43 -0.93 7.58
C GLY B 99 -5.65 -1.79 7.78
N LYS B 100 -6.24 -1.70 8.97
CA LYS B 100 -7.44 -2.47 9.25
C LYS B 100 -8.65 -1.66 8.86
N ILE B 101 -9.68 -2.31 8.36
CA ILE B 101 -10.93 -1.65 8.04
C ILE B 101 -11.70 -1.44 9.37
N ALA B 102 -12.26 -0.25 9.56
CA ALA B 102 -13.05 0.09 10.74
C ALA B 102 -14.33 0.80 10.30
N GLU B 103 -15.36 0.84 11.17
CA GLU B 103 -16.60 1.53 10.84
C GLU B 103 -16.96 2.41 11.99
N TRP B 104 -17.17 3.68 11.72
CA TRP B 104 -17.51 4.64 12.76
C TRP B 104 -18.57 5.53 12.19
N ARG B 105 -19.69 5.63 12.91
CA ARG B 105 -20.85 6.41 12.50
C ARG B 105 -21.38 5.91 11.15
N ASP B 106 -21.39 4.55 11.00
CA ASP B 106 -21.82 3.83 9.81
C ASP B 106 -21.06 4.20 8.55
N ASP B 107 -19.85 4.76 8.71
CA ASP B 107 -19.00 5.13 7.61
C ASP B 107 -17.72 4.33 7.74
N LYS B 108 -17.37 3.55 6.71
CA LYS B 108 -16.16 2.75 6.77
C LYS B 108 -14.94 3.65 6.67
N GLN B 109 -13.86 3.26 7.36
CA GLN B 109 -12.60 3.99 7.35
C GLN B 109 -11.39 3.05 7.50
N ILE B 110 -10.16 3.59 7.44
CA ILE B 110 -8.97 2.77 7.58
C ILE B 110 -8.13 3.16 8.79
N LEU B 111 -7.85 2.20 9.68
CA LEU B 111 -7.04 2.40 10.86
C LEU B 111 -5.64 2.15 10.38
N VAL B 112 -4.89 3.25 10.19
CA VAL B 112 -3.55 3.26 9.64
C VAL B 112 -2.60 2.33 10.33
N GLU B 113 -2.02 1.44 9.55
CA GLU B 113 -0.93 0.55 9.98
C GLU B 113 0.37 1.04 9.30
N GLY B 114 0.27 1.62 8.08
CA GLY B 114 1.37 2.20 7.33
C GLY B 114 0.92 3.08 6.18
N VAL B 115 1.63 4.20 5.97
CA VAL B 115 1.37 5.12 4.86
C VAL B 115 2.68 5.67 4.32
N SER B 116 2.88 5.59 2.99
CA SER B 116 4.11 6.10 2.40
C SER B 116 3.87 6.64 1.01
N LYS B 117 4.63 7.69 0.64
CA LYS B 117 4.57 8.34 -0.66
C LYS B 117 4.97 7.37 -1.75
N VAL B 118 4.27 7.38 -2.87
CA VAL B 118 4.57 6.49 -3.99
C VAL B 118 4.83 7.22 -5.30
N HIS B 119 5.52 6.56 -6.23
CA HIS B 119 5.79 7.13 -7.55
C HIS B 119 4.52 7.06 -8.36
N PRO B 120 4.26 8.01 -9.29
CA PRO B 120 3.03 7.93 -10.11
C PRO B 120 2.79 6.57 -10.81
N ASN B 121 3.87 5.84 -11.15
CA ASN B 121 3.75 4.52 -11.77
C ASN B 121 3.24 3.46 -10.80
N MET B 122 3.41 3.67 -9.50
CA MET B 122 2.84 2.78 -8.49
C MET B 122 1.32 2.92 -8.52
N TRP B 123 0.79 4.15 -8.70
CA TRP B 123 -0.65 4.35 -8.80
C TRP B 123 -1.21 3.57 -10.00
N ILE B 124 -0.46 3.57 -11.12
CA ILE B 124 -0.84 2.81 -12.31
C ILE B 124 -0.79 1.31 -12.03
N LEU B 125 0.29 0.82 -11.41
CA LEU B 125 0.42 -0.59 -11.04
C LEU B 125 -0.75 -1.03 -10.11
N HIS B 126 -1.13 -0.15 -9.16
CA HIS B 126 -2.21 -0.39 -8.22
C HIS B 126 -3.52 -0.59 -8.95
N ARG B 127 -3.79 0.25 -9.95
CA ARG B 127 -5.04 0.17 -10.69
C ARG B 127 -5.13 -1.12 -11.48
N TYR B 128 -3.99 -1.56 -12.06
CA TYR B 128 -3.87 -2.78 -12.87
C TYR B 128 -4.10 -4.01 -11.99
N GLU B 129 -3.44 -4.04 -10.81
CA GLU B 129 -3.58 -5.13 -9.86
C GLU B 129 -4.98 -5.21 -9.30
N THR B 130 -5.59 -4.06 -8.97
CA THR B 130 -6.92 -4.01 -8.38
C THR B 130 -7.96 -4.60 -9.34
N LEU B 131 -7.83 -4.28 -10.62
CA LEU B 131 -8.74 -4.79 -11.63
C LEU B 131 -8.56 -6.28 -11.88
N LYS B 132 -7.30 -6.74 -11.95
CA LYS B 132 -6.95 -8.15 -12.13
C LYS B 132 -7.55 -9.00 -10.99
N GLU B 133 -7.31 -8.60 -9.73
CA GLU B 133 -7.80 -9.30 -8.55
C GLU B 133 -9.32 -9.32 -8.51
N LYS B 134 -9.95 -8.22 -8.91
CA LYS B 134 -11.40 -8.11 -8.92
C LYS B 134 -12.02 -9.12 -9.90
N ILE B 135 -11.47 -9.21 -11.12
CA ILE B 135 -11.97 -10.16 -12.12
C ILE B 135 -11.80 -11.60 -11.64
N GLU B 136 -10.59 -11.92 -11.09
CA GLU B 136 -10.25 -13.24 -10.56
C GLU B 136 -11.27 -13.67 -9.51
N HIS B 137 -11.55 -12.77 -8.55
CA HIS B 137 -12.48 -13.03 -7.46
C HIS B 137 -13.91 -13.22 -7.91
N ILE B 138 -14.42 -12.33 -8.78
CA ILE B 138 -15.81 -12.36 -9.27
C ILE B 138 -16.12 -13.68 -9.99
N LYS B 139 -15.19 -14.12 -10.83
CA LYS B 139 -15.38 -15.36 -11.56
C LYS B 139 -15.45 -16.56 -10.63
N LYS B 140 -14.60 -16.57 -9.59
CA LYS B 140 -14.58 -17.65 -8.61
C LYS B 140 -15.83 -17.62 -7.72
N ALA B 141 -16.28 -16.42 -7.32
CA ALA B 141 -17.47 -16.25 -6.50
C ALA B 141 -18.74 -16.62 -7.27
N LYS B 142 -18.75 -16.43 -8.61
CA LYS B 142 -19.91 -16.76 -9.45
C LYS B 142 -20.13 -18.27 -9.46
N ILE B 143 -19.05 -19.06 -9.59
CA ILE B 143 -19.14 -20.51 -9.59
C ILE B 143 -19.55 -21.01 -8.19
N ALA B 144 -18.98 -20.40 -7.13
CA ALA B 144 -19.28 -20.74 -5.73
C ALA B 144 -20.74 -20.44 -5.38
N LEU B 145 -21.31 -19.38 -5.96
CA LEU B 145 -22.71 -19.01 -5.74
C LEU B 145 -23.65 -20.06 -6.32
N GLU B 146 -23.31 -20.62 -7.50
CA GLU B 146 -24.09 -21.67 -8.14
C GLU B 146 -24.10 -22.95 -7.28
N ILE B 147 -22.93 -23.28 -6.69
CA ILE B 147 -22.76 -24.43 -5.81
C ILE B 147 -23.62 -24.23 -4.56
N TYR B 148 -23.59 -23.01 -3.98
CA TYR B 148 -24.37 -22.67 -2.79
C TYR B 148 -25.87 -22.74 -3.05
N ASN B 149 -26.33 -22.25 -4.21
CA ASN B 149 -27.75 -22.28 -4.54
C ASN B 149 -28.28 -23.70 -4.77
N GLN B 150 -27.42 -24.60 -5.24
CA GLN B 150 -27.80 -25.97 -5.51
C GLN B 150 -27.68 -26.90 -4.29
N TYR B 151 -26.57 -26.80 -3.54
CA TYR B 151 -26.34 -27.71 -2.41
C TYR B 151 -26.27 -27.05 -1.02
N GLY B 152 -25.91 -25.77 -0.98
CA GLY B 152 -25.74 -25.07 0.29
C GLY B 152 -24.38 -25.38 0.88
N ILE B 153 -24.26 -25.33 2.22
CA ILE B 153 -23.00 -25.66 2.88
C ILE B 153 -23.02 -27.08 3.40
N THR B 154 -22.73 -28.03 2.52
CA THR B 154 -22.72 -29.45 2.85
C THR B 154 -21.33 -30.06 2.57
N ALA B 155 -21.08 -31.29 3.07
CA ALA B 155 -19.82 -31.99 2.83
C ALA B 155 -19.61 -32.25 1.33
N LYS B 156 -20.71 -32.47 0.57
CA LYS B 156 -20.68 -32.69 -0.88
C LYS B 156 -20.29 -31.42 -1.64
N SER B 157 -20.84 -30.27 -1.24
CA SER B 157 -20.53 -28.99 -1.88
C SER B 157 -19.08 -28.56 -1.64
N LYS B 158 -18.50 -28.91 -0.48
CA LYS B 158 -17.11 -28.58 -0.14
C LYS B 158 -16.11 -29.34 -1.02
N VAL B 159 -16.45 -30.59 -1.38
CA VAL B 159 -15.63 -31.42 -2.25
C VAL B 159 -15.69 -30.84 -3.67
N ILE B 160 -16.90 -30.47 -4.15
CA ILE B 160 -17.13 -29.88 -5.47
C ILE B 160 -16.39 -28.54 -5.60
N ALA B 161 -16.42 -27.72 -4.52
CA ALA B 161 -15.74 -26.43 -4.50
C ALA B 161 -14.23 -26.58 -4.62
N LYS B 162 -13.63 -27.54 -3.90
CA LYS B 162 -12.18 -27.79 -3.96
C LYS B 162 -11.75 -28.20 -5.37
N ASN B 163 -12.57 -29.04 -6.04
CA ASN B 163 -12.31 -29.52 -7.41
C ASN B 163 -12.29 -28.38 -8.42
N LYS B 164 -13.11 -27.35 -8.19
CA LYS B 164 -13.18 -26.21 -9.10
C LYS B 164 -12.25 -25.02 -8.69
N GLY B 165 -11.32 -25.26 -7.77
CA GLY B 165 -10.37 -24.24 -7.32
C GLY B 165 -10.96 -23.16 -6.44
N ILE B 166 -12.04 -23.49 -5.74
CA ILE B 166 -12.73 -22.56 -4.84
C ILE B 166 -12.46 -22.96 -3.39
N GLU B 167 -12.07 -21.98 -2.56
CA GLU B 167 -11.81 -22.21 -1.15
C GLU B 167 -13.11 -22.46 -0.40
N GLU B 168 -13.06 -23.33 0.61
CA GLU B 168 -14.24 -23.66 1.42
C GLU B 168 -14.79 -22.40 2.12
N GLU B 169 -13.90 -21.50 2.54
CA GLU B 169 -14.25 -20.26 3.19
C GLU B 169 -15.20 -19.41 2.34
N LEU B 170 -15.05 -19.45 1.00
CA LEU B 170 -15.89 -18.67 0.09
C LEU B 170 -17.37 -19.00 0.19
N LEU B 171 -17.70 -20.27 0.43
CA LEU B 171 -19.10 -20.68 0.58
C LEU B 171 -19.71 -20.09 1.87
N GLU B 172 -18.90 -20.02 2.95
CA GLU B 172 -19.32 -19.46 4.22
C GLU B 172 -19.57 -17.96 4.10
N VAL B 173 -18.74 -17.26 3.31
CA VAL B 173 -18.87 -15.83 3.04
C VAL B 173 -20.19 -15.55 2.32
N ILE B 174 -20.54 -16.38 1.33
CA ILE B 174 -21.78 -16.24 0.57
C ILE B 174 -22.98 -16.39 1.51
N ASP B 175 -22.95 -17.42 2.37
CA ASP B 175 -24.01 -17.69 3.33
C ASP B 175 -24.17 -16.53 4.32
N GLU B 176 -23.04 -15.98 4.78
CA GLU B 176 -23.04 -14.87 5.72
C GLU B 176 -23.61 -13.63 5.06
N LEU B 177 -23.26 -13.37 3.78
CA LEU B 177 -23.74 -12.22 3.01
C LEU B 177 -25.25 -12.32 2.77
N TYR B 178 -25.75 -13.55 2.52
CA TYR B 178 -27.18 -13.79 2.34
C TYR B 178 -27.94 -13.52 3.65
N GLY B 179 -27.34 -13.88 4.78
CA GLY B 179 -27.90 -13.63 6.09
C GLY B 179 -27.98 -12.15 6.42
N ILE B 180 -26.94 -11.38 6.01
CA ILE B 180 -26.87 -9.92 6.21
C ILE B 180 -27.93 -9.22 5.35
N MET B 181 -28.06 -9.64 4.09
CA MET B 181 -29.02 -9.09 3.15
C MET B 181 -30.43 -9.68 3.32
N VAL C 10 -25.46 16.01 4.28
CA VAL C 10 -24.07 15.57 4.39
C VAL C 10 -23.31 15.73 3.06
N ARG C 11 -22.64 16.88 2.84
CA ARG C 11 -21.86 17.13 1.62
C ARG C 11 -20.47 16.46 1.64
N ARG C 12 -20.41 15.10 1.53
CA ARG C 12 -19.13 14.36 1.53
C ARG C 12 -18.28 14.76 0.33
N ARG C 13 -16.93 14.66 0.45
CA ARG C 13 -16.07 15.06 -0.66
C ARG C 13 -16.29 14.15 -1.87
N LYS C 14 -16.64 14.78 -3.00
CA LYS C 14 -16.88 14.04 -4.23
C LYS C 14 -15.52 13.61 -4.76
N PRO C 15 -15.32 12.31 -5.07
CA PRO C 15 -14.01 11.90 -5.62
C PRO C 15 -13.73 12.59 -6.95
N ALA C 16 -12.47 12.91 -7.24
CA ALA C 16 -12.12 13.58 -8.48
C ALA C 16 -12.35 12.65 -9.65
N VAL C 17 -13.18 13.08 -10.57
CA VAL C 17 -13.50 12.29 -11.73
C VAL C 17 -12.44 12.42 -12.78
N GLU C 18 -11.84 11.31 -13.18
CA GLU C 18 -10.79 11.30 -14.19
C GLU C 18 -11.36 11.59 -15.56
N ARG C 19 -10.86 12.65 -16.21
CA ARG C 19 -11.32 13.09 -17.53
C ARG C 19 -10.16 13.58 -18.42
N LYS C 20 -10.42 13.71 -19.71
CA LYS C 20 -9.52 14.37 -20.66
C LYS C 20 -10.09 15.80 -20.81
N ILE C 21 -9.25 16.80 -21.14
CA ILE C 21 -9.72 18.18 -21.26
C ILE C 21 -10.90 18.30 -22.23
N SER C 22 -10.84 17.58 -23.36
CA SER C 22 -11.89 17.58 -24.39
C SER C 22 -13.18 16.83 -23.97
N GLU C 23 -13.10 15.98 -22.94
CA GLU C 23 -14.25 15.20 -22.46
C GLU C 23 -14.90 15.71 -21.18
N ILE C 24 -14.58 16.94 -20.77
CA ILE C 24 -15.16 17.49 -19.55
C ILE C 24 -16.65 17.73 -19.73
N ARG C 25 -17.48 17.18 -18.82
CA ARG C 25 -18.93 17.31 -18.89
C ARG C 25 -19.48 18.47 -18.05
N GLU C 26 -20.68 18.96 -18.41
CA GLU C 26 -21.35 20.06 -17.72
C GLU C 26 -21.65 19.75 -16.24
N GLU C 27 -22.04 18.51 -15.97
CA GLU C 27 -22.37 18.02 -14.63
C GLU C 27 -21.14 17.77 -13.73
N ASP C 28 -19.90 17.77 -14.31
CA ASP C 28 -18.66 17.57 -13.55
C ASP C 28 -18.34 18.78 -12.67
N THR C 29 -18.07 18.53 -11.39
CA THR C 29 -17.73 19.61 -10.45
C THR C 29 -16.25 19.45 -9.99
N ARG C 30 -15.71 18.21 -9.86
CA ARG C 30 -14.31 18.02 -9.49
C ARG C 30 -13.68 17.03 -10.41
N VAL C 31 -12.59 17.43 -11.10
CA VAL C 31 -11.93 16.57 -12.08
C VAL C 31 -10.44 16.34 -11.84
N SER C 32 -9.89 15.29 -12.47
CA SER C 32 -8.50 14.93 -12.42
C SER C 32 -7.99 14.98 -13.84
N LEU C 33 -7.09 15.92 -14.17
CA LEU C 33 -6.53 16.10 -15.52
C LEU C 33 -5.03 15.85 -15.53
N ILE C 34 -4.47 15.30 -16.60
CA ILE C 34 -3.03 15.03 -16.63
C ILE C 34 -2.44 15.58 -17.90
N GLY C 35 -1.46 16.47 -17.81
CA GLY C 35 -0.86 17.07 -19.01
C GLY C 35 0.51 17.73 -18.88
N ARG C 36 0.91 18.50 -19.91
CA ARG C 36 2.19 19.18 -19.92
C ARG C 36 1.94 20.65 -19.85
N VAL C 37 2.73 21.34 -19.03
CA VAL C 37 2.62 22.79 -18.89
C VAL C 37 3.27 23.47 -20.11
N ILE C 38 2.54 24.38 -20.72
CA ILE C 38 3.00 25.10 -21.89
C ILE C 38 3.22 26.60 -21.61
N LYS C 39 2.62 27.15 -20.54
CA LYS C 39 2.77 28.58 -20.21
C LYS C 39 2.45 28.79 -18.75
N VAL C 40 3.23 29.64 -18.06
CA VAL C 40 3.03 29.94 -16.64
C VAL C 40 2.96 31.46 -16.46
N ASP C 41 1.88 31.99 -15.88
CA ASP C 41 1.74 33.40 -15.58
C ASP C 41 1.98 33.55 -14.08
N LYS C 42 3.18 33.99 -13.69
CA LYS C 42 3.57 34.17 -12.30
C LYS C 42 2.90 35.33 -11.60
N MET C 43 2.32 36.30 -12.33
CA MET C 43 1.61 37.41 -11.66
C MET C 43 0.16 37.11 -11.34
N ASP C 44 -0.53 36.40 -12.23
CA ASP C 44 -1.92 36.03 -11.97
C ASP C 44 -2.09 34.61 -11.44
N TYR C 45 -0.98 33.91 -11.18
CA TYR C 45 -0.92 32.56 -10.67
C TYR C 45 -1.76 31.61 -11.48
N MET C 46 -1.55 31.61 -12.79
CA MET C 46 -2.27 30.71 -13.67
C MET C 46 -1.34 30.01 -14.59
N PHE C 47 -1.70 28.82 -15.05
CA PHE C 47 -0.86 28.11 -16.00
C PHE C 47 -1.69 27.36 -17.03
N TRP C 48 -1.10 27.11 -18.20
CA TRP C 48 -1.75 26.45 -19.30
C TRP C 48 -1.31 24.98 -19.37
N LEU C 49 -2.28 24.08 -19.25
CA LEU C 49 -2.02 22.65 -19.28
C LEU C 49 -2.54 22.02 -20.57
N ASP C 50 -1.66 21.30 -21.29
CA ASP C 50 -2.04 20.64 -22.53
C ASP C 50 -1.87 19.15 -22.33
N ASP C 51 -2.97 18.39 -22.48
CA ASP C 51 -2.96 16.92 -22.31
C ASP C 51 -2.85 16.11 -23.66
N GLY C 52 -2.92 16.82 -24.77
CA GLY C 52 -2.94 16.20 -26.09
C GLY C 52 -4.32 16.36 -26.70
N THR C 53 -5.39 16.44 -25.88
CA THR C 53 -6.77 16.59 -26.33
C THR C 53 -7.31 18.03 -26.27
N GLY C 54 -6.59 18.91 -25.58
CA GLY C 54 -6.97 20.31 -25.42
C GLY C 54 -6.09 21.06 -24.45
N VAL C 55 -6.40 22.33 -24.23
CA VAL C 55 -5.66 23.16 -23.30
C VAL C 55 -6.59 23.76 -22.26
N ALA C 56 -6.25 23.57 -20.98
CA ALA C 56 -7.09 24.11 -19.93
C ALA C 56 -6.31 25.17 -19.15
N ILE C 57 -7.00 26.24 -18.76
CA ILE C 57 -6.37 27.29 -17.99
C ILE C 57 -6.55 26.91 -16.55
N ILE C 58 -5.44 26.64 -15.87
CA ILE C 58 -5.46 26.22 -14.47
C ILE C 58 -5.10 27.36 -13.53
N GLU C 59 -6.04 27.77 -12.69
CA GLU C 59 -5.80 28.81 -11.72
C GLU C 59 -5.26 28.14 -10.48
N SER C 60 -4.08 28.52 -10.05
CA SER C 60 -3.45 27.95 -8.88
C SER C 60 -3.42 28.97 -7.76
N GLU C 61 -3.50 28.49 -6.51
CA GLU C 61 -3.50 29.38 -5.36
C GLU C 61 -2.07 29.67 -4.90
N SER C 62 -1.26 28.65 -4.83
CA SER C 62 0.09 28.77 -4.32
C SER C 62 1.18 28.05 -5.12
N ASP C 63 0.89 26.83 -5.59
CA ASP C 63 1.88 26.05 -6.32
C ASP C 63 1.84 26.32 -7.82
N LEU C 64 2.95 26.77 -8.39
CA LEU C 64 3.04 26.98 -9.82
C LEU C 64 4.05 26.00 -10.35
N PRO C 65 3.71 25.24 -11.38
CA PRO C 65 4.68 24.30 -11.94
C PRO C 65 5.66 25.01 -12.91
N LYS C 66 6.62 24.27 -13.48
CA LYS C 66 7.56 24.83 -14.45
C LYS C 66 7.06 24.57 -15.88
N VAL C 67 7.50 25.39 -16.83
CA VAL C 67 7.12 25.19 -18.23
C VAL C 67 7.79 23.94 -18.74
N GLY C 68 6.99 23.11 -19.39
CA GLY C 68 7.45 21.84 -19.92
C GLY C 68 7.36 20.68 -18.96
N GLN C 69 6.91 20.93 -17.73
CA GLN C 69 6.78 19.89 -16.72
C GLN C 69 5.48 19.12 -16.97
N VAL C 70 5.52 17.79 -16.80
CA VAL C 70 4.31 16.99 -16.90
C VAL C 70 3.70 16.94 -15.49
N VAL C 71 2.44 17.39 -15.35
CA VAL C 71 1.77 17.45 -14.04
C VAL C 71 0.34 16.83 -14.05
N ARG C 72 -0.14 16.38 -12.88
CA ARG C 72 -1.51 15.90 -12.72
C ARG C 72 -2.18 16.92 -11.87
N VAL C 73 -3.32 17.41 -12.31
CA VAL C 73 -4.06 18.41 -11.59
C VAL C 73 -5.44 17.88 -11.15
N ILE C 74 -5.79 18.08 -9.88
CA ILE C 74 -7.11 17.72 -9.35
C ILE C 74 -7.70 19.05 -8.99
N GLY C 75 -8.81 19.41 -9.62
CA GLY C 75 -9.40 20.70 -9.34
C GLY C 75 -10.89 20.83 -9.51
N ARG C 76 -11.44 21.94 -9.05
CA ARG C 76 -12.84 22.21 -9.21
C ARG C 76 -13.02 23.03 -10.47
N ILE C 77 -14.08 22.73 -11.18
CA ILE C 77 -14.37 23.43 -12.40
C ILE C 77 -15.09 24.72 -12.09
N ILE C 78 -14.64 25.82 -12.72
CA ILE C 78 -15.23 27.15 -12.59
C ILE C 78 -15.80 27.59 -13.96
N ARG C 79 -17.12 27.79 -14.01
CA ARG C 79 -17.77 28.18 -15.25
C ARG C 79 -18.25 29.63 -15.19
N ASN C 80 -17.58 30.49 -15.96
CA ASN C 80 -17.91 31.91 -16.01
C ASN C 80 -18.10 32.43 -17.46
N GLU C 81 -18.38 33.74 -17.62
CA GLU C 81 -18.54 34.40 -18.91
C GLU C 81 -17.23 34.42 -19.75
N GLU C 82 -16.06 34.23 -19.09
CA GLU C 82 -14.74 34.14 -19.76
C GLU C 82 -14.37 32.71 -20.26
N GLY C 83 -15.16 31.72 -19.82
CA GLY C 83 -14.96 30.32 -20.18
C GLY C 83 -14.88 29.41 -18.97
N ILE C 84 -14.28 28.24 -19.18
CA ILE C 84 -14.13 27.23 -18.15
C ILE C 84 -12.67 27.11 -17.73
N HIS C 85 -12.42 27.49 -16.49
CA HIS C 85 -11.08 27.37 -15.92
C HIS C 85 -11.13 26.44 -14.69
N ILE C 86 -9.99 25.85 -14.36
CA ILE C 86 -9.94 24.90 -13.27
C ILE C 86 -9.26 25.54 -12.10
N TYR C 87 -9.89 25.56 -10.94
CA TYR C 87 -9.26 26.06 -9.74
C TYR C 87 -8.54 24.86 -9.15
N ALA C 88 -7.22 24.81 -9.30
CA ALA C 88 -6.39 23.69 -8.86
C ALA C 88 -6.34 23.49 -7.38
N GLU C 89 -6.58 22.26 -6.95
CA GLU C 89 -6.53 21.87 -5.56
C GLU C 89 -5.25 21.10 -5.30
N VAL C 90 -4.92 20.17 -6.19
CA VAL C 90 -3.72 19.37 -6.05
C VAL C 90 -2.98 19.38 -7.38
N ILE C 91 -1.67 19.63 -7.35
CA ILE C 91 -0.83 19.62 -8.56
C ILE C 91 0.30 18.66 -8.24
N GLN C 92 0.39 17.53 -8.93
CA GLN C 92 1.43 16.54 -8.66
C GLN C 92 2.42 16.41 -9.81
N ASP C 93 3.70 16.14 -9.52
CA ASP C 93 4.69 15.99 -10.57
C ASP C 93 4.58 14.62 -11.29
N PHE C 94 4.05 14.62 -12.50
CA PHE C 94 3.87 13.40 -13.28
C PHE C 94 4.93 13.27 -14.37
N SER C 95 6.15 13.77 -14.11
CA SER C 95 7.22 13.78 -15.11
C SER C 95 7.72 12.40 -15.49
N ASP C 96 7.89 11.49 -14.52
CA ASP C 96 8.35 10.14 -14.84
C ASP C 96 7.20 9.15 -15.00
N ALA C 97 5.97 9.61 -15.18
CA ALA C 97 4.82 8.74 -15.29
C ALA C 97 4.64 8.22 -16.69
N ASP C 98 4.37 6.91 -16.81
CA ASP C 98 4.15 6.23 -18.08
C ASP C 98 2.71 6.48 -18.49
N LEU C 99 2.47 7.57 -19.20
CA LEU C 99 1.12 7.92 -19.62
C LEU C 99 0.49 6.92 -20.60
N GLU C 100 1.33 6.14 -21.31
CA GLU C 100 0.91 5.10 -22.26
C GLU C 100 0.22 3.97 -21.46
N ALA C 101 0.83 3.57 -20.32
CA ALA C 101 0.29 2.55 -19.44
C ALA C 101 -0.99 3.05 -18.80
N LEU C 102 -1.01 4.33 -18.38
CA LEU C 102 -2.19 4.94 -17.77
C LEU C 102 -3.36 4.97 -18.75
N GLU C 103 -3.10 5.32 -20.00
CA GLU C 103 -4.13 5.37 -21.03
C GLU C 103 -4.71 3.97 -21.26
N GLU C 104 -3.86 2.93 -21.25
CA GLU C 104 -4.24 1.55 -21.44
C GLU C 104 -5.12 1.04 -20.31
N ILE C 105 -4.82 1.43 -19.05
CA ILE C 105 -5.62 1.01 -17.91
C ILE C 105 -6.96 1.73 -17.87
N ARG C 106 -7.01 2.99 -18.33
CA ARG C 106 -8.25 3.78 -18.41
C ARG C 106 -9.25 3.10 -19.34
N GLU C 107 -8.75 2.58 -20.49
CA GLU C 107 -9.57 1.87 -21.49
C GLU C 107 -10.05 0.52 -20.92
N LEU C 108 -9.20 -0.18 -20.15
CA LEU C 108 -9.55 -1.46 -19.54
C LEU C 108 -10.64 -1.29 -18.50
N GLU C 109 -10.54 -0.26 -17.67
CA GLU C 109 -11.55 0.02 -16.67
C GLU C 109 -12.88 0.38 -17.29
N ARG C 110 -12.85 1.20 -18.36
CA ARG C 110 -14.04 1.65 -19.10
C ARG C 110 -14.82 0.46 -19.70
N LYS C 111 -14.09 -0.55 -20.16
CA LYS C 111 -14.67 -1.73 -20.80
C LYS C 111 -15.13 -2.78 -19.79
N LEU C 112 -14.28 -3.11 -18.83
CA LEU C 112 -14.54 -4.21 -17.92
C LEU C 112 -15.33 -3.91 -16.66
N LEU C 113 -15.20 -2.70 -16.06
CA LEU C 113 -15.92 -2.40 -14.82
C LEU C 113 -17.44 -2.50 -14.91
N PRO C 114 -18.10 -1.97 -15.97
CA PRO C 114 -19.57 -2.13 -16.07
C PRO C 114 -20.02 -3.59 -16.21
N ARG C 115 -19.21 -4.42 -16.89
CA ARG C 115 -19.52 -5.84 -17.09
C ARG C 115 -19.42 -6.61 -15.79
N LEU C 116 -18.40 -6.31 -14.97
CA LEU C 116 -18.17 -6.99 -13.69
C LEU C 116 -19.31 -6.73 -12.70
N GLU C 117 -19.81 -5.48 -12.65
CA GLU C 117 -20.91 -5.13 -11.77
C GLU C 117 -22.21 -5.84 -12.18
N GLY C 118 -22.43 -5.98 -13.49
CA GLY C 118 -23.60 -6.62 -14.07
C GLY C 118 -23.61 -8.13 -14.02
N GLU C 119 -22.51 -8.76 -13.57
CA GLU C 119 -22.42 -10.21 -13.46
C GLU C 119 -23.12 -10.79 -12.21
N ILE C 120 -23.54 -9.92 -11.28
CA ILE C 120 -24.20 -10.34 -10.04
C ILE C 120 -25.66 -10.86 -10.27
N VAL C 121 -25.83 -12.19 -10.22
CA VAL C 121 -27.12 -12.86 -10.39
C VAL C 121 -27.41 -13.70 -9.12
N TRP C 122 -27.94 -13.07 -8.03
CA TRP C 122 -28.25 -13.74 -6.76
C TRP C 122 -29.32 -14.83 -6.89
#